data_3ZWT
#
_entry.id   3ZWT
#
_cell.length_a   90.790
_cell.length_b   90.790
_cell.length_c   123.491
_cell.angle_alpha   90.00
_cell.angle_beta   90.00
_cell.angle_gamma   120.00
#
_symmetry.space_group_name_H-M   'P 32 2 1'
#
loop_
_entity.id
_entity.type
_entity.pdbx_description
1 polymer 'DIHYDROOROTATE DEHYDROGENASE (QUINONE), MITOCHONDRIAL'
2 non-polymer 'FLAVIN MONONUCLEOTIDE'
3 non-polymer 'OROTIC ACID'
4 non-polymer 'SULFATE ION'
5 non-polymer 2-{[(2,5-DICHLOROPHENYL)METHYL]SULFANYL}-5-ETHYL-[1,2,4]TRIAZOLO[1,5-A]PYRIMIDIN-7-OL
6 non-polymer 'ACETATE ION'
7 non-polymer 'CHLORIDE ION'
8 water water
#
_entity_poly.entity_id   1
_entity_poly.type   'polypeptide(L)'
_entity_poly.pdbx_seq_one_letter_code
;MATGDERFYAEHLMPTLQGLLDPESAHRLAVRFTSLGLLPRARFQDSDMLEVRVLGHKFRNPVGIAAGFDKHGEAVDGLY
KMGFGFVEIGSVTPKPQEGNPRPRVFRLPEDQAVINRYGFNSHGLSVVEHRLRARQQKQAKLTEDGLPLGVNLGKNKTSV
DAAEDYAEGVRVLGPLADYLVVNVSSPNTAGLRSLQGKAELRRLLTKVLQERDGLRRVHRPAVLVKIAPDLTSQDKEDIA
SVVKELGIDGLIVTNTTVSRPAGLQGALRSETGGLSGKPLRDLSTQTIREMYALTQGRVPIIGVGGVSSGQDALEKIRAG
ASLVQLYTALTFWGPPVVGKVKRELEALLKEQGFGGVTDAIGADHRR
;
_entity_poly.pdbx_strand_id   A
#
loop_
_chem_comp.id
_chem_comp.type
_chem_comp.name
_chem_comp.formula
ACT non-polymer 'ACETATE ION' 'C2 H3 O2 -1'
CL non-polymer 'CHLORIDE ION' 'Cl -1'
FMN non-polymer 'FLAVIN MONONUCLEOTIDE' 'C17 H21 N4 O9 P'
KFZ non-polymer 2-{[(2,5-DICHLOROPHENYL)METHYL]SULFANYL}-5-ETHYL-[1,2,4]TRIAZOLO[1,5-A]PYRIMIDIN-7-OL 'C14 H12 Cl2 N4 O S'
ORO non-polymer 'OROTIC ACID' 'C5 H4 N2 O4'
SO4 non-polymer 'SULFATE ION' 'O4 S -2'
#
# COMPACT_ATOMS: atom_id res chain seq x y z
N HIS A 12 14.68 -2.82 22.51
CA HIS A 12 15.25 -1.91 23.54
C HIS A 12 15.48 -0.48 23.03
N LEU A 13 16.22 -0.34 21.93
CA LEU A 13 16.61 1.00 21.41
C LEU A 13 15.39 1.77 20.82
N MET A 14 14.58 1.06 20.03
CA MET A 14 13.35 1.63 19.47
C MET A 14 12.24 1.94 20.49
N PRO A 15 11.91 0.99 21.37
CA PRO A 15 10.87 1.29 22.37
C PRO A 15 11.18 2.48 23.27
N THR A 16 12.47 2.72 23.53
CA THR A 16 12.92 3.87 24.31
C THR A 16 12.55 5.18 23.63
N LEU A 17 13.00 5.33 22.39
CA LEU A 17 12.72 6.53 21.61
C LEU A 17 11.21 6.75 21.40
N GLN A 18 10.46 5.65 21.28
CA GLN A 18 9.00 5.70 21.05
C GLN A 18 8.19 6.02 22.31
N GLY A 19 8.69 5.61 23.47
CA GLY A 19 8.04 5.91 24.75
C GLY A 19 8.24 7.38 25.13
N LEU A 20 9.36 7.93 24.66
CA LEU A 20 9.70 9.33 24.89
C LEU A 20 8.96 10.28 23.94
N LEU A 21 8.59 9.77 22.75
CA LEU A 21 8.03 10.63 21.70
C LEU A 21 6.56 10.30 21.46
N ASP A 22 5.76 11.29 21.09
CA ASP A 22 4.41 10.97 20.60
C ASP A 22 4.57 10.20 19.26
N PRO A 23 3.54 9.45 18.83
CA PRO A 23 3.69 8.59 17.63
C PRO A 23 4.06 9.34 16.36
N GLU A 24 3.53 10.52 16.16
CA GLU A 24 3.87 11.31 14.97
C GLU A 24 5.36 11.71 14.99
N SER A 25 5.86 12.12 16.15
CA SER A 25 7.29 12.42 16.27
C SER A 25 8.17 11.20 16.02
N ALA A 26 7.76 10.05 16.51
CA ALA A 26 8.44 8.81 16.31
C ALA A 26 8.49 8.46 14.79
N HIS A 27 7.36 8.65 14.12
CA HIS A 27 7.25 8.45 12.65
C HIS A 27 8.29 9.33 11.94
N ARG A 28 8.31 10.60 12.30
CA ARG A 28 9.26 11.51 11.65
C ARG A 28 10.70 11.08 11.87
N LEU A 29 11.02 10.66 13.09
CA LEU A 29 12.37 10.16 13.37
C LEU A 29 12.70 8.91 12.54
N ALA A 30 11.74 7.98 12.45
CA ALA A 30 11.92 6.79 11.68
C ALA A 30 12.18 7.10 10.20
N VAL A 31 11.44 8.03 9.62
CA VAL A 31 11.66 8.42 8.23
C VAL A 31 13.08 9.00 8.08
N ARG A 32 13.46 9.86 9.02
CA ARG A 32 14.81 10.47 8.96
C ARG A 32 15.88 9.39 9.08
N PHE A 33 15.79 8.53 10.07
CA PHE A 33 16.77 7.45 10.26
C PHE A 33 16.88 6.56 9.03
N THR A 34 15.73 6.20 8.46
CA THR A 34 15.71 5.31 7.29
C THR A 34 16.35 6.01 6.10
N SER A 35 16.02 7.29 5.92
CA SER A 35 16.50 8.03 4.77
C SER A 35 18.02 8.16 4.78
N LEU A 36 18.60 8.23 5.97
CA LEU A 36 20.07 8.31 6.16
C LEU A 36 20.76 6.94 6.13
N GLY A 37 19.99 5.87 5.95
CA GLY A 37 20.54 4.53 5.93
C GLY A 37 21.14 4.06 7.25
N LEU A 38 20.62 4.57 8.37
CA LEU A 38 21.03 4.13 9.71
C LEU A 38 20.19 2.93 10.13
N LEU A 39 20.58 1.76 9.64
CA LEU A 39 19.81 0.53 9.86
C LEU A 39 20.78 -0.62 10.06
N ARG A 43 20.77 -8.59 6.50
CA ARG A 43 21.26 -9.97 6.54
C ARG A 43 20.59 -10.88 5.50
N PHE A 44 19.27 -11.05 5.62
CA PHE A 44 18.51 -11.99 4.76
C PHE A 44 18.75 -11.74 3.26
N GLN A 45 19.19 -12.79 2.55
CA GLN A 45 19.37 -12.73 1.09
C GLN A 45 18.18 -13.44 0.49
N ASP A 46 17.49 -12.78 -0.42
CA ASP A 46 16.22 -13.31 -0.94
C ASP A 46 16.44 -14.56 -1.78
N SER A 47 15.71 -15.61 -1.44
CA SER A 47 15.65 -16.85 -2.20
C SER A 47 14.95 -16.65 -3.55
N ASP A 48 15.33 -17.43 -4.55
CA ASP A 48 14.58 -17.44 -5.82
C ASP A 48 13.09 -17.79 -5.62
N MET A 49 12.78 -18.51 -4.55
CA MET A 49 11.41 -18.92 -4.25
C MET A 49 10.51 -17.71 -4.00
N LEU A 50 11.12 -16.58 -3.67
CA LEU A 50 10.33 -15.37 -3.29
C LEU A 50 10.08 -14.43 -4.46
N GLU A 51 10.71 -14.67 -5.60
CA GLU A 51 10.51 -13.80 -6.77
C GLU A 51 9.12 -13.96 -7.38
N VAL A 52 8.52 -12.85 -7.74
CA VAL A 52 7.21 -12.77 -8.38
C VAL A 52 7.28 -11.88 -9.60
N ARG A 53 6.69 -12.31 -10.72
CA ARG A 53 6.55 -11.48 -11.90
C ARG A 53 5.10 -11.09 -12.07
N VAL A 54 4.80 -9.80 -11.93
CA VAL A 54 3.44 -9.27 -12.01
C VAL A 54 3.47 -7.77 -12.37
N LEU A 55 2.38 -7.22 -12.92
CA LEU A 55 2.30 -5.76 -13.23
C LEU A 55 3.40 -5.31 -14.20
N GLY A 56 3.91 -6.23 -15.00
CA GLY A 56 4.95 -5.90 -15.98
C GLY A 56 6.34 -5.78 -15.39
N HIS A 57 6.50 -6.24 -14.15
CA HIS A 57 7.78 -6.19 -13.46
C HIS A 57 8.18 -7.49 -12.69
N LYS A 58 9.48 -7.63 -12.47
CA LYS A 58 10.03 -8.62 -11.55
C LYS A 58 10.09 -7.98 -10.17
N PHE A 59 9.65 -8.73 -9.15
CA PHE A 59 9.78 -8.34 -7.75
C PHE A 59 10.68 -9.36 -7.08
N ARG A 60 11.83 -8.95 -6.52
CA ARG A 60 12.78 -9.88 -5.89
CA ARG A 60 12.78 -9.86 -5.88
C ARG A 60 12.15 -10.63 -4.72
N ASN A 61 11.26 -9.96 -3.99
CA ASN A 61 10.46 -10.64 -2.96
C ASN A 61 9.12 -9.94 -2.92
N PRO A 62 8.09 -10.56 -2.32
CA PRO A 62 6.74 -10.04 -2.44
C PRO A 62 6.33 -9.14 -1.29
N VAL A 63 7.27 -8.68 -0.48
CA VAL A 63 6.95 -7.90 0.75
C VAL A 63 7.31 -6.43 0.55
N GLY A 64 6.30 -5.56 0.50
CA GLY A 64 6.50 -4.14 0.29
C GLY A 64 6.10 -3.32 1.49
N ILE A 65 6.58 -2.09 1.50
CA ILE A 65 6.17 -1.08 2.47
C ILE A 65 4.91 -0.41 1.97
N ALA A 66 3.87 -0.44 2.78
CA ALA A 66 2.61 0.19 2.45
C ALA A 66 2.70 1.70 2.41
N ALA A 67 1.79 2.31 1.67
CA ALA A 67 1.66 3.76 1.65
C ALA A 67 1.44 4.31 3.03
N GLY A 68 1.93 5.52 3.26
CA GLY A 68 1.72 6.21 4.53
C GLY A 68 3.02 6.33 5.34
N PHE A 69 3.93 5.38 5.19
CA PHE A 69 5.21 5.46 5.92
C PHE A 69 6.05 6.55 5.31
N ASP A 70 6.21 6.50 3.99
CA ASP A 70 7.04 7.51 3.27
C ASP A 70 6.09 8.29 2.37
N LYS A 71 5.36 9.24 2.92
CA LYS A 71 4.34 9.99 2.24
C LYS A 71 4.95 10.84 1.13
N HIS A 72 6.18 11.30 1.36
CA HIS A 72 6.75 12.34 0.48
C HIS A 72 7.98 11.90 -0.29
N GLY A 73 8.25 10.60 -0.35
CA GLY A 73 9.33 10.06 -1.15
C GLY A 73 10.72 10.40 -0.66
N GLU A 74 10.88 10.45 0.64
CA GLU A 74 12.17 10.82 1.29
C GLU A 74 13.08 9.66 1.68
N ALA A 75 12.55 8.45 1.72
CA ALA A 75 13.25 7.32 2.30
C ALA A 75 13.30 6.09 1.44
N VAL A 76 13.11 6.24 0.13
CA VAL A 76 12.98 5.10 -0.76
C VAL A 76 14.18 4.18 -0.70
N ASP A 77 15.38 4.74 -0.86
CA ASP A 77 16.54 3.88 -0.87
C ASP A 77 16.79 3.15 0.46
N GLY A 78 16.52 3.81 1.57
CA GLY A 78 16.61 3.21 2.89
C GLY A 78 15.65 2.07 3.07
N LEU A 79 14.48 2.21 2.46
CA LEU A 79 13.47 1.15 2.54
C LEU A 79 13.89 -0.09 1.76
N TYR A 80 14.50 0.08 0.58
CA TYR A 80 15.06 -1.09 -0.08
C TYR A 80 16.18 -1.73 0.76
N LYS A 81 16.98 -0.89 1.41
CA LYS A 81 18.07 -1.40 2.25
C LYS A 81 17.51 -2.25 3.40
N MET A 82 16.30 -1.92 3.85
CA MET A 82 15.61 -2.65 4.93
C MET A 82 15.13 -4.03 4.48
N GLY A 83 15.08 -4.27 3.17
CA GLY A 83 14.78 -5.58 2.65
C GLY A 83 13.44 -5.70 1.94
N PHE A 84 12.75 -4.58 1.80
CA PHE A 84 11.47 -4.57 1.05
C PHE A 84 11.71 -4.86 -0.40
N GLY A 85 10.85 -5.69 -0.99
CA GLY A 85 10.93 -6.04 -2.40
C GLY A 85 10.42 -4.95 -3.30
N PHE A 86 9.64 -4.03 -2.74
CA PHE A 86 9.08 -2.92 -3.49
C PHE A 86 8.69 -1.85 -2.50
N VAL A 87 8.66 -0.62 -2.97
CA VAL A 87 8.37 0.54 -2.16
C VAL A 87 7.21 1.27 -2.75
N GLU A 88 6.25 1.68 -1.92
CA GLU A 88 5.19 2.56 -2.35
C GLU A 88 5.25 3.84 -1.54
N ILE A 89 5.30 4.98 -2.22
CA ILE A 89 5.30 6.25 -1.54
C ILE A 89 3.95 6.91 -1.67
N GLY A 90 3.67 7.89 -0.80
CA GLY A 90 2.40 8.60 -0.82
C GLY A 90 1.52 8.27 0.39
N SER A 91 0.27 8.75 0.39
CA SER A 91 -0.38 9.46 -0.73
C SER A 91 0.17 10.86 -0.94
N VAL A 92 0.27 11.24 -2.21
CA VAL A 92 0.68 12.60 -2.61
C VAL A 92 -0.53 13.33 -3.17
N THR A 93 -0.73 14.58 -2.75
CA THR A 93 -1.82 15.42 -3.24
C THR A 93 -1.26 16.42 -4.25
N PRO A 94 -2.11 16.99 -5.12
CA PRO A 94 -1.54 17.91 -6.11
C PRO A 94 -0.82 19.12 -5.51
N LYS A 95 -1.49 19.85 -4.66
CA LYS A 95 -0.91 20.98 -3.94
C LYS A 95 -0.48 20.53 -2.55
N PRO A 96 0.54 21.15 -1.97
CA PRO A 96 0.88 20.86 -0.59
C PRO A 96 -0.29 21.15 0.34
N GLN A 97 -0.44 20.33 1.38
CA GLN A 97 -1.43 20.60 2.41
C GLN A 97 -1.02 19.99 3.73
N GLU A 98 -1.50 20.59 4.81
CA GLU A 98 -1.00 20.26 6.12
C GLU A 98 -1.63 19.04 6.76
N GLY A 99 -2.81 18.68 6.30
CA GLY A 99 -3.58 17.58 6.92
C GLY A 99 -4.33 18.04 8.16
N ASN A 100 -4.81 17.08 8.93
CA ASN A 100 -5.69 17.39 10.04
C ASN A 100 -4.95 17.93 11.20
N PRO A 101 -5.69 18.65 12.07
CA PRO A 101 -5.10 19.11 13.27
C PRO A 101 -4.59 17.96 14.12
N ARG A 102 -3.54 18.22 14.87
CA ARG A 102 -3.07 17.28 15.86
C ARG A 102 -3.95 17.28 17.13
N PRO A 103 -3.91 16.17 17.89
CA PRO A 103 -3.17 14.88 17.68
C PRO A 103 -3.88 14.08 16.62
N ARG A 104 -3.14 13.29 15.83
CA ARG A 104 -3.77 12.62 14.69
C ARG A 104 -3.26 11.21 14.46
N VAL A 105 -2.46 10.70 15.37
CA VAL A 105 -1.96 9.30 15.32
CA VAL A 105 -2.10 9.30 15.31
C VAL A 105 -1.93 8.75 16.73
N PHE A 106 -2.38 7.51 16.90
CA PHE A 106 -2.60 6.92 18.24
C PHE A 106 -2.17 5.48 18.23
N ARG A 107 -1.38 5.07 19.21
CA ARG A 107 -1.03 3.67 19.33
C ARG A 107 -2.01 2.93 20.23
N LEU A 108 -2.30 1.67 19.89
CA LEU A 108 -3.13 0.76 20.69
C LEU A 108 -2.26 -0.47 20.96
N PRO A 109 -1.33 -0.37 21.92
CA PRO A 109 -0.34 -1.43 22.06
C PRO A 109 -0.94 -2.78 22.45
N GLU A 110 -1.99 -2.75 23.26
CA GLU A 110 -2.67 -3.99 23.69
C GLU A 110 -3.34 -4.73 22.52
N ASP A 111 -3.58 -4.02 21.41
CA ASP A 111 -4.20 -4.60 20.22
C ASP A 111 -3.24 -4.78 19.04
N GLN A 112 -1.97 -4.41 19.22
CA GLN A 112 -0.98 -4.35 18.13
C GLN A 112 -1.60 -3.58 16.94
N ALA A 113 -2.20 -2.42 17.24
CA ALA A 113 -2.93 -1.63 16.27
C ALA A 113 -2.54 -0.16 16.37
N VAL A 114 -2.88 0.58 15.34
CA VAL A 114 -2.76 2.04 15.28
C VAL A 114 -4.06 2.60 14.76
N ILE A 115 -4.44 3.80 15.22
CA ILE A 115 -5.47 4.60 14.61
C ILE A 115 -4.84 5.90 14.12
N ASN A 116 -5.08 6.25 12.87
CA ASN A 116 -4.61 7.53 12.33
C ASN A 116 -5.69 8.31 11.64
N ARG A 117 -5.57 9.63 11.75
CA ARG A 117 -6.41 10.57 11.02
C ARG A 117 -5.54 11.69 10.43
N TYR A 118 -4.50 11.31 9.72
CA TYR A 118 -3.57 12.34 9.18
C TYR A 118 -4.27 13.32 8.26
N GLY A 119 -5.17 12.85 7.39
CA GLY A 119 -5.85 13.69 6.43
C GLY A 119 -4.97 14.13 5.27
N PHE A 120 -4.12 13.25 4.77
CA PHE A 120 -3.32 13.54 3.56
C PHE A 120 -2.43 14.76 3.77
N ASN A 121 -1.66 14.79 4.83
CA ASN A 121 -0.53 15.68 4.92
C ASN A 121 0.42 15.36 3.77
N SER A 122 0.76 16.35 2.95
CA SER A 122 1.53 16.05 1.75
C SER A 122 2.36 17.28 1.35
N HIS A 123 3.60 17.01 1.00
CA HIS A 123 4.46 18.04 0.38
C HIS A 123 3.99 18.45 -1.01
N GLY A 124 3.08 17.69 -1.64
CA GLY A 124 2.58 18.05 -2.94
C GLY A 124 3.37 17.45 -4.10
N LEU A 125 2.75 17.45 -5.28
CA LEU A 125 3.30 16.80 -6.44
C LEU A 125 4.65 17.38 -6.88
N SER A 126 4.78 18.70 -6.88
CA SER A 126 6.02 19.32 -7.37
CA SER A 126 6.01 19.30 -7.38
C SER A 126 7.22 18.92 -6.53
N VAL A 127 7.09 19.00 -5.21
CA VAL A 127 8.20 18.61 -4.33
C VAL A 127 8.55 17.15 -4.53
N VAL A 128 7.54 16.27 -4.57
CA VAL A 128 7.83 14.88 -4.73
C VAL A 128 8.44 14.54 -6.13
N GLU A 129 7.96 15.22 -7.17
CA GLU A 129 8.49 15.06 -8.53
C GLU A 129 9.99 15.33 -8.51
N HIS A 130 10.35 16.43 -7.90
CA HIS A 130 11.77 16.80 -7.90
C HIS A 130 12.61 15.83 -7.10
N ARG A 131 12.05 15.31 -6.00
CA ARG A 131 12.75 14.32 -5.22
C ARG A 131 12.98 13.03 -5.99
N LEU A 132 11.96 12.55 -6.70
CA LEU A 132 12.11 11.35 -7.46
C LEU A 132 13.02 11.56 -8.68
N ARG A 133 12.95 12.75 -9.27
CA ARG A 133 13.79 13.01 -10.44
C ARG A 133 15.28 12.96 -10.08
N ALA A 134 15.60 13.37 -8.85
CA ALA A 134 17.01 13.36 -8.41
C ALA A 134 17.62 11.95 -8.39
N ARG A 135 16.79 10.90 -8.35
CA ARG A 135 17.24 9.53 -8.31
C ARG A 135 16.57 8.68 -9.38
N GLN A 136 16.08 9.31 -10.45
CA GLN A 136 15.30 8.60 -11.46
C GLN A 136 16.07 7.47 -12.14
N GLN A 137 17.33 7.69 -12.54
CA GLN A 137 18.06 6.61 -13.17
C GLN A 137 18.53 5.52 -12.20
N LYS A 138 18.77 5.89 -10.95
CA LYS A 138 19.04 4.91 -9.91
C LYS A 138 17.82 4.01 -9.76
N GLN A 139 16.64 4.60 -9.75
CA GLN A 139 15.44 3.78 -9.67
C GLN A 139 15.27 2.90 -10.87
N ALA A 140 15.61 3.40 -12.07
CA ALA A 140 15.46 2.57 -13.25
C ALA A 140 16.31 1.31 -13.12
N LYS A 141 17.50 1.45 -12.56
CA LYS A 141 18.36 0.30 -12.32
C LYS A 141 17.79 -0.64 -11.25
N LEU A 142 17.27 -0.05 -10.16
CA LEU A 142 16.65 -0.85 -9.10
C LEU A 142 15.48 -1.65 -9.62
N THR A 143 14.61 -1.02 -10.40
CA THR A 143 13.47 -1.71 -11.00
C THR A 143 13.92 -2.87 -11.89
N GLU A 144 14.92 -2.62 -12.73
CA GLU A 144 15.50 -3.66 -13.57
CA GLU A 144 15.46 -3.69 -13.59
C GLU A 144 16.03 -4.83 -12.75
N ASP A 145 16.53 -4.51 -11.56
CA ASP A 145 17.08 -5.50 -10.63
CA ASP A 145 17.08 -5.51 -10.64
C ASP A 145 16.02 -6.15 -9.72
N GLY A 146 14.75 -5.87 -9.97
CA GLY A 146 13.64 -6.50 -9.24
C GLY A 146 13.12 -5.75 -8.05
N LEU A 147 13.35 -4.45 -8.02
CA LEU A 147 12.95 -3.58 -6.88
C LEU A 147 12.10 -2.38 -7.37
N PRO A 148 10.82 -2.63 -7.72
CA PRO A 148 9.98 -1.58 -8.25
C PRO A 148 9.49 -0.54 -7.26
N LEU A 149 9.03 0.57 -7.82
CA LEU A 149 8.53 1.73 -7.10
C LEU A 149 7.09 2.04 -7.50
N GLY A 150 6.23 2.16 -6.50
CA GLY A 150 4.86 2.59 -6.71
C GLY A 150 4.67 3.97 -6.14
N VAL A 151 3.72 4.72 -6.68
CA VAL A 151 3.37 6.06 -6.23
C VAL A 151 1.87 6.11 -6.01
N ASN A 152 1.47 6.50 -4.82
CA ASN A 152 0.06 6.51 -4.43
C ASN A 152 -0.43 7.94 -4.43
N LEU A 153 -1.52 8.16 -5.19
CA LEU A 153 -2.10 9.47 -5.42
C LEU A 153 -3.34 9.72 -4.58
N GLY A 154 -3.44 10.90 -4.01
CA GLY A 154 -4.62 11.40 -3.33
C GLY A 154 -5.14 12.69 -3.93
N LYS A 155 -6.08 13.29 -3.21
CA LYS A 155 -6.75 14.50 -3.67
C LYS A 155 -6.71 15.53 -2.55
N ASN A 156 -6.61 16.80 -2.92
CA ASN A 156 -6.62 17.86 -1.95
C ASN A 156 -8.00 18.00 -1.28
N LYS A 157 -7.95 18.45 -0.04
CA LYS A 157 -9.15 18.66 0.76
C LYS A 157 -10.17 19.58 0.08
N THR A 158 -9.69 20.68 -0.49
CA THR A 158 -10.59 21.72 -1.03
C THR A 158 -10.78 21.65 -2.55
N SER A 159 -10.35 20.54 -3.15
CA SER A 159 -10.51 20.29 -4.57
C SER A 159 -11.98 20.22 -4.97
N VAL A 160 -12.34 20.92 -6.05
CA VAL A 160 -13.71 20.91 -6.57
C VAL A 160 -13.91 19.89 -7.71
N ASP A 161 -12.87 19.11 -8.04
CA ASP A 161 -12.92 18.18 -9.17
C ASP A 161 -11.91 17.06 -8.86
N ALA A 162 -12.40 16.01 -8.22
CA ALA A 162 -11.52 14.93 -7.75
C ALA A 162 -10.78 14.29 -8.90
N ALA A 163 -11.48 14.03 -10.00
CA ALA A 163 -10.86 13.35 -11.14
C ALA A 163 -9.71 14.18 -11.69
N GLU A 164 -9.81 15.51 -11.65
CA GLU A 164 -8.72 16.33 -12.15
C GLU A 164 -7.51 16.26 -11.22
N ASP A 165 -7.73 16.18 -9.91
CA ASP A 165 -6.59 15.96 -8.99
C ASP A 165 -5.84 14.66 -9.33
N TYR A 166 -6.57 13.55 -9.53
CA TYR A 166 -5.92 12.29 -9.85
C TYR A 166 -5.22 12.39 -11.21
N ALA A 167 -5.88 13.01 -12.19
CA ALA A 167 -5.27 13.18 -13.50
C ALA A 167 -3.95 13.95 -13.40
N GLU A 168 -3.91 15.00 -12.60
CA GLU A 168 -2.68 15.79 -12.38
CA GLU A 168 -2.68 15.78 -12.41
C GLU A 168 -1.60 14.89 -11.82
N GLY A 169 -1.96 14.03 -10.87
CA GLY A 169 -0.98 13.09 -10.34
C GLY A 169 -0.39 12.13 -11.35
N VAL A 170 -1.25 11.62 -12.24
CA VAL A 170 -0.80 10.73 -13.29
C VAL A 170 0.18 11.45 -14.20
N ARG A 171 -0.15 12.67 -14.57
CA ARG A 171 0.74 13.38 -15.49
CA ARG A 171 0.69 13.52 -15.44
C ARG A 171 2.08 13.74 -14.85
N VAL A 172 2.07 14.08 -13.57
CA VAL A 172 3.32 14.55 -12.91
C VAL A 172 4.17 13.40 -12.41
N LEU A 173 3.56 12.44 -11.70
CA LEU A 173 4.33 11.35 -11.13
C LEU A 173 4.26 10.01 -11.87
N GLY A 174 3.26 9.85 -12.74
CA GLY A 174 3.24 8.67 -13.58
C GLY A 174 4.51 8.32 -14.29
N PRO A 175 5.20 9.36 -14.86
CA PRO A 175 6.43 9.03 -15.56
C PRO A 175 7.60 8.59 -14.71
N LEU A 176 7.47 8.68 -13.38
CA LEU A 176 8.50 8.31 -12.44
C LEU A 176 8.16 7.02 -11.67
N ALA A 177 7.04 6.38 -12.02
CA ALA A 177 6.52 5.24 -11.22
C ALA A 177 6.43 3.94 -12.02
N ASP A 178 6.64 2.79 -11.40
CA ASP A 178 6.31 1.53 -12.03
C ASP A 178 4.84 1.26 -11.94
N TYR A 179 4.17 1.70 -10.86
CA TYR A 179 2.73 1.61 -10.79
C TYR A 179 2.22 2.82 -10.05
N LEU A 180 1.01 3.22 -10.35
CA LEU A 180 0.31 4.28 -9.68
C LEU A 180 -0.87 3.69 -8.93
N VAL A 181 -1.22 4.29 -7.79
CA VAL A 181 -2.38 3.86 -7.02
C VAL A 181 -3.36 4.99 -6.92
N VAL A 182 -4.59 4.76 -7.36
CA VAL A 182 -5.69 5.69 -7.19
C VAL A 182 -6.27 5.35 -5.83
N ASN A 183 -5.91 6.16 -4.85
CA ASN A 183 -6.39 5.96 -3.49
C ASN A 183 -7.74 6.59 -3.30
N VAL A 184 -8.80 5.75 -3.39
CA VAL A 184 -10.14 6.24 -3.16
C VAL A 184 -10.71 5.68 -1.83
N SER A 185 -9.84 5.35 -0.88
CA SER A 185 -10.29 4.64 0.34
C SER A 185 -9.76 5.20 1.67
N SER A 186 -9.11 6.37 1.66
CA SER A 186 -8.78 7.00 2.91
C SER A 186 -10.06 7.29 3.67
N PRO A 187 -10.07 6.94 4.96
CA PRO A 187 -11.24 7.32 5.76
C PRO A 187 -11.19 8.73 6.30
N ASN A 188 -10.14 9.47 5.98
CA ASN A 188 -9.84 10.76 6.64
C ASN A 188 -9.97 11.99 5.76
N THR A 189 -10.55 11.80 4.58
CA THR A 189 -10.90 12.92 3.67
C THR A 189 -12.40 12.82 3.34
N ALA A 190 -13.16 13.86 3.72
CA ALA A 190 -14.61 13.87 3.59
C ALA A 190 -15.02 13.61 2.15
N GLY A 191 -15.90 12.64 1.97
CA GLY A 191 -16.44 12.31 0.66
C GLY A 191 -15.58 11.39 -0.21
N LEU A 192 -14.33 11.13 0.19
CA LEU A 192 -13.42 10.41 -0.69
C LEU A 192 -13.90 8.99 -0.99
N ARG A 193 -14.40 8.30 0.02
CA ARG A 193 -14.76 6.90 -0.16
C ARG A 193 -15.98 6.73 -1.06
N SER A 194 -16.77 7.79 -1.25
CA SER A 194 -17.87 7.78 -2.23
CA SER A 194 -17.86 7.77 -2.23
C SER A 194 -17.38 7.59 -3.66
N LEU A 195 -16.09 7.86 -3.90
CA LEU A 195 -15.50 7.67 -5.24
C LEU A 195 -15.35 6.20 -5.59
N GLN A 196 -15.57 5.32 -4.59
CA GLN A 196 -15.60 3.87 -4.82
C GLN A 196 -16.94 3.40 -5.44
N GLY A 197 -17.95 4.25 -5.41
CA GLY A 197 -19.24 3.92 -6.03
C GLY A 197 -19.15 3.70 -7.53
N LYS A 198 -19.98 2.83 -8.06
CA LYS A 198 -19.83 2.40 -9.48
C LYS A 198 -19.67 3.53 -10.52
N ALA A 199 -20.62 4.45 -10.55
CA ALA A 199 -20.64 5.53 -11.54
C ALA A 199 -19.46 6.48 -11.35
N GLU A 200 -19.21 6.88 -10.11
CA GLU A 200 -18.07 7.78 -9.78
C GLU A 200 -16.76 7.11 -10.10
N LEU A 201 -16.62 5.84 -9.76
CA LEU A 201 -15.38 5.14 -10.03
C LEU A 201 -15.14 4.99 -11.53
N ARG A 202 -16.18 4.67 -12.28
CA ARG A 202 -16.02 4.44 -13.72
C ARG A 202 -15.54 5.73 -14.37
N ARG A 203 -16.16 6.84 -14.00
CA ARG A 203 -15.81 8.15 -14.59
C ARG A 203 -14.38 8.51 -14.24
N LEU A 204 -14.06 8.36 -12.97
CA LEU A 204 -12.74 8.72 -12.47
C LEU A 204 -11.68 7.85 -13.14
N LEU A 205 -11.90 6.55 -13.17
CA LEU A 205 -10.87 5.66 -13.70
C LEU A 205 -10.70 5.78 -15.20
N THR A 206 -11.79 6.02 -15.93
CA THR A 206 -11.69 6.28 -17.37
C THR A 206 -10.71 7.46 -17.60
N LYS A 207 -10.88 8.53 -16.85
CA LYS A 207 -10.03 9.71 -16.99
C LYS A 207 -8.59 9.38 -16.64
N VAL A 208 -8.40 8.69 -15.52
CA VAL A 208 -7.07 8.29 -15.10
C VAL A 208 -6.38 7.44 -16.16
N LEU A 209 -7.07 6.45 -16.73
CA LEU A 209 -6.46 5.54 -17.68
C LEU A 209 -6.16 6.29 -19.01
N GLN A 210 -7.03 7.20 -19.40
CA GLN A 210 -6.79 8.02 -20.61
CA GLN A 210 -6.76 7.99 -20.62
C GLN A 210 -5.48 8.80 -20.42
N GLU A 211 -5.33 9.41 -19.25
CA GLU A 211 -4.14 10.18 -18.95
C GLU A 211 -2.90 9.30 -18.97
N ARG A 212 -2.98 8.13 -18.33
CA ARG A 212 -1.87 7.22 -18.31
C ARG A 212 -1.46 6.76 -19.71
N ASP A 213 -2.45 6.46 -20.55
CA ASP A 213 -2.17 5.93 -21.87
C ASP A 213 -1.49 6.97 -22.79
N GLY A 214 -1.64 8.22 -22.41
CA GLY A 214 -0.98 9.35 -23.10
C GLY A 214 0.48 9.50 -22.78
N LEU A 215 1.00 8.79 -21.79
CA LEU A 215 2.44 8.86 -21.47
C LEU A 215 3.25 8.02 -22.43
N ARG A 216 4.48 8.47 -22.70
CA ARG A 216 5.40 7.67 -23.53
C ARG A 216 5.65 6.30 -22.93
N ARG A 217 5.87 5.32 -23.80
CA ARG A 217 5.92 3.90 -23.41
C ARG A 217 6.79 3.60 -22.21
N VAL A 218 8.02 4.10 -22.17
CA VAL A 218 8.91 3.75 -21.05
C VAL A 218 8.58 4.48 -19.76
N HIS A 219 7.61 5.41 -19.85
CA HIS A 219 7.11 6.19 -18.71
C HIS A 219 5.66 5.88 -18.38
N ARG A 220 5.18 4.72 -18.83
CA ARG A 220 3.77 4.41 -18.72
C ARG A 220 3.55 3.36 -17.59
N PRO A 221 3.02 3.82 -16.44
CA PRO A 221 2.90 2.91 -15.30
C PRO A 221 1.65 2.04 -15.37
N ALA A 222 1.66 0.95 -14.61
CA ALA A 222 0.43 0.25 -14.30
C ALA A 222 -0.41 1.12 -13.39
N VAL A 223 -1.72 0.94 -13.45
CA VAL A 223 -2.68 1.67 -12.60
C VAL A 223 -3.47 0.69 -11.74
N LEU A 224 -3.39 0.91 -10.44
CA LEU A 224 -4.13 0.11 -9.45
C LEU A 224 -5.09 0.99 -8.68
N VAL A 225 -6.15 0.38 -8.12
CA VAL A 225 -7.10 1.09 -7.28
C VAL A 225 -7.01 0.50 -5.85
N LYS A 226 -6.87 1.36 -4.86
CA LYS A 226 -6.81 0.92 -3.46
C LYS A 226 -8.16 1.09 -2.81
N ILE A 227 -8.67 0.00 -2.27
CA ILE A 227 -10.03 -0.03 -1.75
C ILE A 227 -10.05 -0.26 -0.23
N ALA A 228 -11.21 0.12 0.33
CA ALA A 228 -11.48 0.02 1.74
C ALA A 228 -11.81 -1.41 2.14
N PRO A 229 -11.70 -1.70 3.45
CA PRO A 229 -12.12 -2.99 4.02
C PRO A 229 -13.61 -2.97 4.45
N ASP A 230 -14.26 -1.82 4.31
CA ASP A 230 -15.60 -1.57 4.86
C ASP A 230 -16.71 -1.54 3.81
N LEU A 231 -16.45 -2.15 2.69
CA LEU A 231 -17.39 -2.07 1.55
C LEU A 231 -18.49 -3.07 1.75
N THR A 232 -19.66 -2.72 1.21
CA THR A 232 -20.72 -3.71 1.11
C THR A 232 -20.43 -4.72 0.00
N SER A 233 -21.17 -5.83 0.03
CA SER A 233 -21.08 -6.80 -1.04
C SER A 233 -21.41 -6.16 -2.40
N GLN A 234 -22.41 -5.29 -2.46
CA GLN A 234 -22.76 -4.58 -3.69
C GLN A 234 -21.61 -3.71 -4.19
N ASP A 235 -20.94 -3.03 -3.26
CA ASP A 235 -19.84 -2.16 -3.61
C ASP A 235 -18.71 -2.98 -4.23
N LYS A 236 -18.43 -4.13 -3.63
CA LYS A 236 -17.35 -4.98 -4.13
C LYS A 236 -17.65 -5.53 -5.52
N GLU A 237 -18.91 -5.96 -5.71
CA GLU A 237 -19.33 -6.46 -7.03
C GLU A 237 -19.19 -5.37 -8.09
N ASP A 238 -19.59 -4.16 -7.74
CA ASP A 238 -19.49 -2.99 -8.62
C ASP A 238 -18.03 -2.67 -8.98
N ILE A 239 -17.14 -2.67 -7.99
CA ILE A 239 -15.72 -2.42 -8.25
C ILE A 239 -15.12 -3.47 -9.18
N ALA A 240 -15.43 -4.73 -8.94
CA ALA A 240 -14.98 -5.80 -9.80
C ALA A 240 -15.45 -5.59 -11.24
N SER A 241 -16.69 -5.20 -11.43
CA SER A 241 -17.26 -5.00 -12.75
C SER A 241 -16.52 -3.87 -13.49
N VAL A 242 -16.28 -2.79 -12.78
CA VAL A 242 -15.60 -1.62 -13.38
C VAL A 242 -14.15 -1.96 -13.71
N VAL A 243 -13.45 -2.63 -12.80
CA VAL A 243 -12.07 -3.02 -13.04
C VAL A 243 -11.93 -3.86 -14.29
N LYS A 244 -12.85 -4.80 -14.47
CA LYS A 244 -12.82 -5.64 -15.66
C LYS A 244 -13.21 -4.87 -16.91
N GLU A 245 -14.23 -4.04 -16.82
CA GLU A 245 -14.73 -3.23 -17.95
C GLU A 245 -13.60 -2.34 -18.51
N LEU A 246 -12.85 -1.72 -17.61
CA LEU A 246 -11.87 -0.72 -18.03
C LEU A 246 -10.44 -1.24 -18.21
N GLY A 247 -10.16 -2.44 -17.74
CA GLY A 247 -8.85 -3.01 -17.85
C GLY A 247 -7.86 -2.43 -16.83
N ILE A 248 -8.38 -2.08 -15.65
CA ILE A 248 -7.51 -1.65 -14.53
C ILE A 248 -6.51 -2.76 -14.23
N ASP A 249 -5.27 -2.40 -13.93
CA ASP A 249 -4.18 -3.33 -13.89
C ASP A 249 -4.12 -4.16 -12.59
N GLY A 250 -4.67 -3.60 -11.52
CA GLY A 250 -4.65 -4.34 -10.27
C GLY A 250 -5.39 -3.60 -9.17
N LEU A 251 -5.49 -4.26 -8.01
CA LEU A 251 -6.16 -3.71 -6.83
C LEU A 251 -5.19 -3.79 -5.63
N ILE A 252 -5.29 -2.81 -4.72
CA ILE A 252 -4.62 -2.85 -3.43
C ILE A 252 -5.74 -3.01 -2.39
N VAL A 253 -5.62 -4.04 -1.57
CA VAL A 253 -6.75 -4.53 -0.75
C VAL A 253 -6.09 -4.85 0.60
N THR A 254 -6.20 -4.00 1.64
CA THR A 254 -7.12 -2.88 1.82
C THR A 254 -6.43 -1.72 2.55
N ASN A 255 -7.12 -0.60 2.52
CA ASN A 255 -6.83 0.53 3.40
C ASN A 255 -7.23 0.20 4.85
N THR A 256 -7.15 1.20 5.70
CA THR A 256 -7.57 1.08 7.11
C THR A 256 -9.08 0.98 7.23
N THR A 257 -9.54 0.50 8.41
CA THR A 257 -10.97 0.35 8.66
C THR A 257 -11.52 1.44 9.62
N VAL A 258 -12.71 1.91 9.31
CA VAL A 258 -13.49 2.76 10.21
C VAL A 258 -14.28 1.93 11.19
N SER A 259 -14.28 0.60 11.06
CA SER A 259 -14.90 -0.26 12.05
C SER A 259 -14.05 -0.27 13.33
N ARG A 260 -14.66 -0.72 14.43
CA ARG A 260 -13.95 -0.95 15.68
C ARG A 260 -14.40 -2.32 16.17
N PRO A 261 -13.67 -3.36 15.74
CA PRO A 261 -14.03 -4.73 16.05
C PRO A 261 -14.22 -4.90 17.52
N ALA A 262 -15.19 -5.75 17.86
CA ALA A 262 -15.38 -6.08 19.23
C ALA A 262 -14.05 -6.65 19.77
N GLY A 263 -13.70 -6.28 20.98
CA GLY A 263 -12.53 -6.82 21.65
C GLY A 263 -11.32 -5.91 21.76
N LEU A 264 -11.34 -4.79 21.03
CA LEU A 264 -10.25 -3.82 21.21
C LEU A 264 -10.11 -3.40 22.66
N GLN A 265 -8.87 -3.39 23.12
CA GLN A 265 -8.52 -3.06 24.52
C GLN A 265 -7.87 -1.71 24.71
N GLY A 266 -7.24 -1.17 23.67
CA GLY A 266 -6.48 0.07 23.85
C GLY A 266 -7.39 1.16 24.38
N ALA A 267 -6.80 1.97 25.26
CA ALA A 267 -7.51 3.13 25.77
C ALA A 267 -8.01 4.08 24.72
N LEU A 268 -7.29 4.12 23.58
CA LEU A 268 -7.55 5.08 22.52
C LEU A 268 -8.43 4.51 21.40
N ARG A 269 -9.08 3.37 21.67
CA ARG A 269 -9.91 2.70 20.65
C ARG A 269 -11.01 3.51 20.03
N SER A 270 -11.53 4.52 20.75
CA SER A 270 -12.64 5.30 20.27
C SER A 270 -12.21 6.64 19.64
N GLU A 271 -10.93 6.82 19.41
CA GLU A 271 -10.44 7.92 18.56
C GLU A 271 -10.96 7.76 17.14
N THR A 272 -11.30 8.87 16.49
CA THR A 272 -11.68 8.89 15.08
C THR A 272 -10.45 8.59 14.21
N GLY A 273 -10.69 7.79 13.16
CA GLY A 273 -9.64 7.52 12.17
C GLY A 273 -9.70 6.11 11.65
N GLY A 274 -8.72 5.78 10.82
CA GLY A 274 -8.56 4.43 10.30
C GLY A 274 -7.74 3.59 11.24
N LEU A 275 -8.25 2.39 11.51
CA LEU A 275 -7.58 1.39 12.29
C LEU A 275 -6.75 0.44 11.40
N SER A 276 -5.52 0.18 11.81
CA SER A 276 -4.59 -0.70 11.14
C SER A 276 -4.01 -1.73 12.10
N GLY A 277 -3.21 -2.67 11.59
CA GLY A 277 -2.62 -3.68 12.43
C GLY A 277 -3.46 -4.90 12.64
N LYS A 278 -3.14 -5.64 13.70
CA LYS A 278 -3.72 -6.97 13.87
C LYS A 278 -5.24 -7.03 13.76
N PRO A 279 -5.98 -6.08 14.34
CA PRO A 279 -7.46 -6.20 14.23
C PRO A 279 -8.05 -6.09 12.85
N LEU A 280 -7.28 -5.55 11.92
CA LEU A 280 -7.67 -5.45 10.53
C LEU A 280 -7.33 -6.71 9.73
N ARG A 281 -6.44 -7.54 10.22
CA ARG A 281 -5.79 -8.57 9.41
C ARG A 281 -6.81 -9.43 8.67
N ASP A 282 -7.73 -10.05 9.41
CA ASP A 282 -8.61 -11.03 8.75
C ASP A 282 -9.73 -10.40 7.95
N LEU A 283 -10.15 -9.18 8.28
CA LEU A 283 -11.08 -8.43 7.46
C LEU A 283 -10.43 -8.15 6.10
N SER A 284 -9.16 -7.76 6.09
CA SER A 284 -8.41 -7.55 4.84
CA SER A 284 -8.43 -7.55 4.84
C SER A 284 -8.26 -8.84 4.04
N THR A 285 -7.86 -9.93 4.69
CA THR A 285 -7.71 -11.21 4.00
C THR A 285 -8.99 -11.64 3.32
N GLN A 286 -10.10 -11.50 4.02
CA GLN A 286 -11.39 -11.90 3.45
CA GLN A 286 -11.41 -11.86 3.48
C GLN A 286 -11.78 -10.99 2.29
N THR A 287 -11.41 -9.71 2.33
CA THR A 287 -11.68 -8.81 1.22
C THR A 287 -10.85 -9.22 0.00
N ILE A 288 -9.60 -9.56 0.19
CA ILE A 288 -8.74 -10.14 -0.89
C ILE A 288 -9.42 -11.33 -1.49
N ARG A 289 -9.88 -12.25 -0.64
CA ARG A 289 -10.50 -13.48 -1.10
C ARG A 289 -11.69 -13.18 -2.00
N GLU A 290 -12.52 -12.26 -1.59
CA GLU A 290 -13.73 -11.91 -2.33
CA GLU A 290 -13.73 -11.95 -2.35
C GLU A 290 -13.36 -11.26 -3.65
N MET A 291 -12.40 -10.31 -3.61
CA MET A 291 -12.06 -9.61 -4.83
C MET A 291 -11.38 -10.52 -5.86
N TYR A 292 -10.59 -11.48 -5.41
CA TYR A 292 -9.93 -12.44 -6.29
C TYR A 292 -11.03 -13.25 -6.99
N ALA A 293 -12.00 -13.71 -6.23
CA ALA A 293 -13.06 -14.52 -6.83
C ALA A 293 -13.85 -13.69 -7.82
N LEU A 294 -14.24 -12.49 -7.48
CA LEU A 294 -15.07 -11.63 -8.34
C LEU A 294 -14.34 -11.24 -9.64
N THR A 295 -13.03 -11.25 -9.63
CA THR A 295 -12.23 -10.92 -10.83
C THR A 295 -11.66 -12.16 -11.49
N GLN A 296 -12.14 -13.34 -11.09
CA GLN A 296 -11.76 -14.62 -11.71
C GLN A 296 -10.26 -14.90 -11.66
N GLY A 297 -9.57 -14.33 -10.67
CA GLY A 297 -8.14 -14.49 -10.53
C GLY A 297 -7.28 -13.80 -11.59
N ARG A 298 -7.90 -12.98 -12.41
CA ARG A 298 -7.24 -12.36 -13.57
C ARG A 298 -6.68 -10.97 -13.29
N VAL A 299 -6.91 -10.45 -12.08
CA VAL A 299 -6.51 -9.08 -11.72
C VAL A 299 -5.55 -9.16 -10.53
N PRO A 300 -4.30 -8.77 -10.71
CA PRO A 300 -3.35 -8.84 -9.61
C PRO A 300 -3.81 -8.00 -8.41
N ILE A 301 -3.60 -8.56 -7.23
CA ILE A 301 -3.95 -7.96 -5.98
C ILE A 301 -2.70 -7.83 -5.11
N ILE A 302 -2.52 -6.63 -4.56
CA ILE A 302 -1.54 -6.39 -3.50
C ILE A 302 -2.31 -6.42 -2.17
N GLY A 303 -1.99 -7.38 -1.32
CA GLY A 303 -2.71 -7.58 -0.05
C GLY A 303 -2.04 -6.85 1.08
N VAL A 304 -2.83 -6.13 1.87
CA VAL A 304 -2.28 -5.33 2.95
C VAL A 304 -3.31 -5.22 4.06
N GLY A 305 -2.83 -5.24 5.29
CA GLY A 305 -3.64 -5.09 6.48
C GLY A 305 -3.28 -6.14 7.50
N GLY A 306 -2.54 -5.73 8.54
CA GLY A 306 -2.22 -6.61 9.64
C GLY A 306 -1.19 -7.72 9.37
N VAL A 307 -0.31 -7.57 8.39
CA VAL A 307 0.73 -8.57 8.14
C VAL A 307 1.89 -8.32 9.09
N SER A 308 2.17 -9.30 9.95
CA SER A 308 3.34 -9.20 10.83
CA SER A 308 3.27 -9.23 10.90
C SER A 308 4.18 -10.48 10.91
N SER A 309 3.83 -11.47 10.10
CA SER A 309 4.52 -12.74 10.05
C SER A 309 4.42 -13.37 8.69
N GLY A 310 5.20 -14.42 8.51
CA GLY A 310 5.13 -15.22 7.31
C GLY A 310 3.77 -15.85 7.09
N GLN A 311 3.18 -16.34 8.18
CA GLN A 311 1.85 -16.91 8.09
C GLN A 311 0.84 -15.88 7.63
N ASP A 312 0.93 -14.65 8.15
CA ASP A 312 0.01 -13.62 7.73
C ASP A 312 0.18 -13.38 6.22
N ALA A 313 1.43 -13.29 5.78
CA ALA A 313 1.69 -13.03 4.37
C ALA A 313 1.13 -14.17 3.50
N LEU A 314 1.39 -15.43 3.92
CA LEU A 314 0.98 -16.59 3.11
C LEU A 314 -0.53 -16.74 3.06
N GLU A 315 -1.21 -16.36 4.15
CA GLU A 315 -2.67 -16.36 4.14
C GLU A 315 -3.22 -15.43 3.08
N LYS A 316 -2.65 -14.22 2.99
CA LYS A 316 -3.08 -13.31 1.95
C LYS A 316 -2.75 -13.79 0.54
N ILE A 317 -1.56 -14.34 0.36
CA ILE A 317 -1.15 -14.91 -0.95
C ILE A 317 -2.10 -16.05 -1.36
N ARG A 318 -2.38 -16.97 -0.43
CA ARG A 318 -3.28 -18.09 -0.76
CA ARG A 318 -3.29 -18.08 -0.75
C ARG A 318 -4.70 -17.61 -1.04
N ALA A 319 -5.11 -16.49 -0.41
CA ALA A 319 -6.40 -15.90 -0.65
C ALA A 319 -6.52 -15.17 -2.00
N GLY A 320 -5.36 -14.89 -2.61
CA GLY A 320 -5.33 -14.27 -3.92
C GLY A 320 -4.36 -13.16 -4.15
N ALA A 321 -3.59 -12.75 -3.15
CA ALA A 321 -2.61 -11.68 -3.34
C ALA A 321 -1.37 -12.16 -4.06
N SER A 322 -0.92 -11.38 -5.06
CA SER A 322 0.37 -11.63 -5.68
C SER A 322 1.57 -11.04 -4.94
N LEU A 323 1.30 -9.98 -4.17
CA LEU A 323 2.25 -9.28 -3.39
C LEU A 323 1.55 -8.88 -2.09
N VAL A 324 2.31 -8.60 -1.05
CA VAL A 324 1.77 -8.04 0.19
C VAL A 324 2.53 -6.81 0.63
N GLN A 325 1.89 -6.00 1.47
CA GLN A 325 2.55 -4.89 2.08
C GLN A 325 2.32 -4.89 3.59
N LEU A 326 3.16 -4.14 4.30
CA LEU A 326 2.92 -3.91 5.74
C LEU A 326 3.38 -2.50 6.09
N TYR A 327 2.80 -1.99 7.17
CA TYR A 327 3.30 -0.76 7.81
C TYR A 327 3.23 -0.92 9.32
N THR A 328 2.05 -1.13 9.85
CA THR A 328 1.88 -1.10 11.32
C THR A 328 2.82 -2.04 12.07
N ALA A 329 3.10 -3.23 11.54
CA ALA A 329 4.05 -4.14 12.22
C ALA A 329 5.43 -3.52 12.42
N LEU A 330 5.87 -2.72 11.46
CA LEU A 330 7.17 -2.04 11.55
C LEU A 330 7.19 -1.13 12.78
N THR A 331 6.07 -0.49 13.11
CA THR A 331 6.00 0.44 14.22
C THR A 331 6.10 -0.27 15.56
N PHE A 332 5.73 -1.54 15.63
CA PHE A 332 5.84 -2.31 16.85
C PHE A 332 7.15 -3.08 16.94
N TRP A 333 7.57 -3.73 15.85
CA TRP A 333 8.68 -4.68 15.87
C TRP A 333 9.93 -4.15 15.21
N GLY A 334 9.84 -3.04 14.51
CA GLY A 334 10.97 -2.43 13.85
C GLY A 334 11.42 -3.13 12.60
N PRO A 335 12.53 -2.65 11.99
CA PRO A 335 13.11 -3.22 10.80
C PRO A 335 13.28 -4.75 10.76
N PRO A 336 13.61 -5.41 11.88
CA PRO A 336 13.78 -6.85 11.76
C PRO A 336 12.53 -7.63 11.31
N VAL A 337 11.37 -7.02 11.43
CA VAL A 337 10.13 -7.70 11.00
C VAL A 337 10.15 -8.06 9.51
N VAL A 338 10.83 -7.26 8.69
CA VAL A 338 10.85 -7.49 7.26
C VAL A 338 11.51 -8.85 6.94
N GLY A 339 12.72 -9.03 7.45
CA GLY A 339 13.42 -10.29 7.27
C GLY A 339 12.69 -11.46 7.89
N LYS A 340 12.08 -11.21 9.05
CA LYS A 340 11.30 -12.24 9.72
C LYS A 340 10.15 -12.74 8.84
N VAL A 341 9.37 -11.82 8.27
CA VAL A 341 8.26 -12.20 7.40
C VAL A 341 8.77 -13.02 6.20
N LYS A 342 9.87 -12.55 5.59
CA LYS A 342 10.41 -13.24 4.44
C LYS A 342 10.91 -14.63 4.76
N ARG A 343 11.68 -14.76 5.84
CA ARG A 343 12.21 -16.07 6.25
C ARG A 343 11.10 -17.04 6.59
N GLU A 344 10.10 -16.55 7.32
CA GLU A 344 8.97 -17.41 7.70
C GLU A 344 8.15 -17.80 6.48
N LEU A 345 7.95 -16.88 5.53
CA LEU A 345 7.19 -17.17 4.34
C LEU A 345 7.86 -18.27 3.49
N GLU A 346 9.18 -18.15 3.32
CA GLU A 346 9.95 -19.17 2.62
C GLU A 346 9.80 -20.54 3.28
N ALA A 347 9.92 -20.58 4.60
CA ALA A 347 9.79 -21.85 5.35
C ALA A 347 8.41 -22.48 5.15
N LEU A 348 7.37 -21.66 5.24
CA LEU A 348 5.98 -22.15 5.06
C LEU A 348 5.71 -22.65 3.67
N LEU A 349 6.24 -21.95 2.67
CA LEU A 349 6.07 -22.34 1.30
C LEU A 349 6.65 -23.73 1.12
N LYS A 350 7.83 -23.94 1.71
CA LYS A 350 8.49 -25.27 1.60
C LYS A 350 7.64 -26.35 2.30
N GLU A 351 7.13 -26.03 3.49
CA GLU A 351 6.35 -26.98 4.29
C GLU A 351 5.09 -27.37 3.59
N GLN A 352 4.49 -26.42 2.85
CA GLN A 352 3.20 -26.64 2.24
C GLN A 352 3.31 -27.16 0.80
N GLY A 353 4.54 -27.39 0.37
CA GLY A 353 4.84 -28.04 -0.93
C GLY A 353 4.73 -27.13 -2.13
N PHE A 354 4.82 -25.81 -1.90
CA PHE A 354 4.86 -24.87 -3.01
C PHE A 354 6.28 -24.70 -3.52
N GLY A 355 6.42 -24.62 -4.85
CA GLY A 355 7.70 -24.36 -5.48
C GLY A 355 8.20 -22.92 -5.30
N GLY A 356 7.25 -22.02 -5.12
CA GLY A 356 7.59 -20.64 -4.84
C GLY A 356 6.32 -19.87 -4.58
N VAL A 357 6.45 -18.56 -4.37
CA VAL A 357 5.31 -17.69 -4.15
C VAL A 357 4.29 -17.78 -5.25
N THR A 358 4.74 -17.80 -6.50
CA THR A 358 3.82 -17.81 -7.62
C THR A 358 2.84 -18.99 -7.57
N ASP A 359 3.33 -20.13 -7.15
CA ASP A 359 2.51 -21.34 -7.06
C ASP A 359 1.42 -21.24 -6.00
N ALA A 360 1.66 -20.42 -4.99
CA ALA A 360 0.72 -20.27 -3.86
C ALA A 360 -0.37 -19.22 -4.11
N ILE A 361 -0.17 -18.32 -5.07
CA ILE A 361 -1.16 -17.26 -5.31
C ILE A 361 -2.52 -17.84 -5.65
N GLY A 362 -3.53 -17.53 -4.84
CA GLY A 362 -4.88 -18.02 -5.08
C GLY A 362 -5.09 -19.48 -4.71
N ALA A 363 -4.13 -20.14 -4.07
CA ALA A 363 -4.19 -21.63 -3.82
C ALA A 363 -5.44 -22.03 -3.05
N ASP A 364 -5.97 -21.16 -2.18
CA ASP A 364 -7.15 -21.59 -1.40
C ASP A 364 -8.36 -21.77 -2.29
N HIS A 365 -8.40 -21.07 -3.44
CA HIS A 365 -9.56 -21.12 -4.30
C HIS A 365 -9.58 -22.39 -5.14
N ARG A 366 -8.44 -23.08 -5.19
CA ARG A 366 -8.31 -24.30 -6.03
C ARG A 366 -8.45 -25.60 -5.22
N ARG A 367 -8.58 -25.51 -3.90
CA ARG A 367 -8.75 -26.73 -3.10
C ARG A 367 -10.23 -27.17 -2.99
N1 FMN B . -2.75 4.35 2.78
C2 FMN B . -2.72 5.07 1.63
O2 FMN B . -3.12 4.59 0.59
N3 FMN B . -2.21 6.35 1.70
C4 FMN B . -1.77 6.96 2.82
O4 FMN B . -1.32 8.14 2.75
C4A FMN B . -1.80 6.22 3.99
N5 FMN B . -1.41 6.74 5.21
C5A FMN B . -1.30 5.96 6.34
C6 FMN B . -0.79 6.47 7.51
C7 FMN B . -0.66 5.65 8.63
C7M FMN B . -0.07 6.23 9.92
C8 FMN B . -1.04 4.32 8.59
C8M FMN B . -0.92 3.39 9.81
C9 FMN B . -1.58 3.85 7.40
C9A FMN B . -1.72 4.63 6.28
N10 FMN B . -2.29 4.14 5.09
C10 FMN B . -2.29 4.89 3.93
C1' FMN B . -2.83 2.78 5.03
C2' FMN B . -1.78 1.69 4.88
O2' FMN B . -1.11 1.80 3.58
C3' FMN B . -2.29 0.26 4.90
O3' FMN B . -3.29 0.14 3.85
C4' FMN B . -2.98 -0.02 6.29
O4' FMN B . -2.31 0.65 7.36
C5' FMN B . -3.01 -1.55 6.58
O5' FMN B . -1.74 -2.14 6.66
P FMN B . -0.99 -2.36 8.08
O1P FMN B . 0.18 -3.26 7.74
O2P FMN B . -2.06 -3.07 8.99
O3P FMN B . -0.55 -1.01 8.61
N1 ORO C . -4.74 7.42 6.53
C2 ORO C . -5.10 6.16 6.19
O2 ORO C . -5.30 5.31 7.06
N3 ORO C . -5.31 5.82 4.86
C4 ORO C . -5.13 6.75 3.87
O4 ORO C . -5.33 6.40 2.70
C5 ORO C . -4.76 8.06 4.20
C6 ORO C . -4.51 8.35 5.53
C7 ORO C . -4.28 9.76 5.98
O71 ORO C . -3.62 10.55 5.33
O72 ORO C . -5.09 10.10 6.88
S SO4 D . 11.90 8.57 -23.21
O1 SO4 D . 12.30 7.30 -23.72
O2 SO4 D . 12.46 9.61 -24.12
O3 SO4 D . 10.44 8.58 -23.18
O4 SO4 D . 12.47 8.72 -21.88
S SO4 E . 4.69 16.43 7.31
O1 SO4 E . 5.02 15.00 7.16
O2 SO4 E . 3.53 16.83 6.50
O3 SO4 E . 4.41 16.72 8.73
O4 SO4 E . 5.88 17.19 6.89
CL1 KFZ F . 12.83 2.23 11.65
CAQ KFZ F . 12.51 3.17 13.06
CAF KFZ F . 13.44 4.08 13.55
CAE KFZ F . 13.13 4.85 14.67
CAO KFZ F . 11.91 4.68 15.30
CL2 KFZ F . 11.51 5.61 16.69
CAG KFZ F . 10.97 3.76 14.81
CAS KFZ F . 11.26 3.00 13.68
CAJ KFZ F . 10.21 1.99 13.19
SAN KFZ F . 9.35 2.49 11.66
CAT KFZ F . 8.07 3.45 12.34
NAL KFZ F . 7.15 4.00 11.57
NAM KFZ F . 7.87 3.72 13.62
NAV KFZ F . 6.84 4.42 13.68
CAU KFZ F . 6.32 4.59 12.39
NAK KFZ F . 5.20 5.26 12.17
CAR KFZ F . 4.49 5.80 13.18
CAI KFZ F . 3.18 6.54 12.84
CAA KFZ F . 2.03 5.47 12.78
CAH KFZ F . 4.94 5.66 14.50
CAP KFZ F . 6.11 4.95 14.74
OAB KFZ F . 6.58 4.78 16.00
C ACT G . -10.07 -15.84 6.81
O ACT G . -9.70 -15.62 5.61
OXT ACT G . -10.54 -16.96 7.10
CH3 ACT G . -10.01 -14.80 7.85
C ACT H . 11.20 2.84 -13.11
O ACT H . 10.96 1.71 -13.64
OXT ACT H . 12.33 3.25 -13.24
CH3 ACT H . 10.21 3.73 -12.41
CL CL I . 10.20 11.82 -16.96
#